data_5Y32
#
_entry.id   5Y32
#
_cell.length_a   162.975
_cell.length_b   81.175
_cell.length_c   91.480
_cell.angle_alpha   90.00
_cell.angle_beta   91.27
_cell.angle_gamma   90.00
#
_symmetry.space_group_name_H-M   'C 1 2 1'
#
loop_
_entity.id
_entity.type
_entity.pdbx_description
1 polymer 'Interleukin-1 receptor accessory protein-like 1'
2 polymer 'Receptor-type tyrosine-protein phosphatase delta'
3 branched 2-acetamido-2-deoxy-beta-D-glucopyranose-(1-4)-[alpha-L-fucopyranose-(1-6)]2-acetamido-2-deoxy-beta-D-glucopyranose
4 branched 2-acetamido-2-deoxy-beta-D-glucopyranose-(1-4)-2-acetamido-2-deoxy-beta-D-glucopyranose
5 branched beta-D-mannopyranose-(1-4)-2-acetamido-2-deoxy-beta-D-glucopyranose-(1-4)-[alpha-L-fucopyranose-(1-6)]2-acetamido-2-deoxy-beta-D-glucopyranose
6 non-polymer 2-acetamido-2-deoxy-beta-D-glucopyranose
7 water water
#
loop_
_entity_poly.entity_id
_entity_poly.type
_entity_poly.pdbx_seq_one_letter_code
_entity_poly.pdbx_strand_id
1 'polypeptide(L)'
;PAARDLKVVTKRGSADGCTDWSVDIKKYQVLVGEPVRIKCALFYGYIRTNYSLAQSAGLSLMWYKSSGPGDFEEPIAFDG
SRMSKEEDSIWFRPTLLQDSGLYACVIRNSTYCMKVSISLTVGENDTGLCYNSKMKYFEKAELSKSKEISCRDIEDFLLP
TREPEILWYKECRTKAWRPSIVFKRDTLLIKEVKEDDIGNYTCELKYGGFVVRRTTELTVTAPLTDKPPKLLYPMESKLT
VQETQLGGSANLTCRAFFGYSGDVSPLIYWMKGEKFIEDLDENRVWESDIRILKEHLGEQEVSISLIVDSVEEGDLGNYS
CYVENGNGRRHASVLLHKRKHHHHHH
;
B
2 'polypeptide(L)'
;ETPPRFTRTPVDQTGVSGGVASFICQATGDPRPKIVWNKKGKKVSNQRFEVIEFDDGSGSVLRIQPLRTPRDEAIYECVA
SNNVGEISVSTRLTVLREDQIPRGFPTIDMGPQLKVVERTRTATMLCAASGNPDPEITWFKDFLPVDTSNNNGRIKQLRS
ESIGGTPIRGALQIEQSEESDQGKYECVATNSAGTRYSAPANLYVRELREVRRVPPRFSIPPTNHEIMPGGSVNITCVAV
GSPMPYVKWMLGAEDLTPEDDMPIGRNVLELNDVRQSANYTCVAMSTLGVIEAIAQITKHHHHHH
;
A
#
# COMPACT_ATOMS: atom_id res chain seq x y z
N CYS A 18 -28.93 4.51 -4.14
CA CYS A 18 -28.17 3.28 -4.35
C CYS A 18 -26.75 3.36 -3.79
N THR A 19 -26.43 2.50 -2.83
CA THR A 19 -25.09 2.48 -2.24
C THR A 19 -24.05 1.94 -3.23
N ASP A 20 -23.25 2.86 -3.76
CA ASP A 20 -22.26 2.56 -4.79
C ASP A 20 -20.87 2.25 -4.22
N TRP A 21 -20.29 1.12 -4.63
CA TRP A 21 -18.96 0.72 -4.15
C TRP A 21 -17.83 1.10 -5.10
N SER A 22 -18.17 1.84 -6.15
CA SER A 22 -17.24 2.23 -7.19
C SER A 22 -16.59 0.99 -7.84
N VAL A 23 -15.37 1.13 -8.36
CA VAL A 23 -14.71 0.05 -9.09
C VAL A 23 -14.09 -1.03 -8.20
N ASP A 24 -14.44 -2.28 -8.48
CA ASP A 24 -13.96 -3.41 -7.69
C ASP A 24 -12.45 -3.58 -7.89
N ILE A 25 -11.81 -4.18 -6.89
CA ILE A 25 -10.36 -4.36 -6.91
C ILE A 25 -9.92 -5.29 -8.04
N LYS A 26 -10.66 -6.38 -8.27
CA LYS A 26 -10.27 -7.33 -9.31
C LYS A 26 -10.55 -6.77 -10.68
N LYS A 27 -9.51 -6.62 -11.48
CA LYS A 27 -9.65 -6.06 -12.81
C LYS A 27 -9.41 -7.12 -13.88
N TYR A 28 -10.16 -7.03 -14.96
CA TYR A 28 -10.04 -7.97 -16.06
C TYR A 28 -9.32 -7.32 -17.23
N GLN A 29 -8.16 -7.85 -17.60
CA GLN A 29 -7.51 -7.40 -18.80
C GLN A 29 -7.10 -8.58 -19.67
N VAL A 30 -7.48 -8.55 -20.93
CA VAL A 30 -7.30 -9.68 -21.81
C VAL A 30 -6.98 -9.27 -23.24
N LEU A 31 -6.57 -10.23 -24.04
CA LEU A 31 -6.17 -9.95 -25.41
C LEU A 31 -7.38 -10.03 -26.33
N VAL A 32 -7.50 -9.07 -27.25
CA VAL A 32 -8.64 -9.02 -28.15
C VAL A 32 -8.78 -10.33 -28.90
N GLY A 33 -9.81 -11.09 -28.54
CA GLY A 33 -10.12 -12.30 -29.26
C GLY A 33 -10.27 -13.52 -28.38
N GLU A 34 -9.93 -13.39 -27.10
CA GLU A 34 -10.09 -14.53 -26.21
C GLU A 34 -11.30 -14.32 -25.32
N PRO A 35 -11.97 -15.42 -24.95
CA PRO A 35 -13.20 -15.37 -24.16
C PRO A 35 -12.91 -14.94 -22.74
N VAL A 36 -13.85 -14.22 -22.14
CA VAL A 36 -13.67 -13.80 -20.77
C VAL A 36 -15.02 -13.72 -20.09
N ARG A 37 -15.08 -14.26 -18.87
CA ARG A 37 -16.30 -14.22 -18.09
C ARG A 37 -16.13 -13.27 -16.89
N ILE A 38 -16.99 -12.26 -16.82
CA ILE A 38 -16.97 -11.26 -15.76
C ILE A 38 -17.98 -11.58 -14.69
N LYS A 39 -17.52 -11.99 -13.51
CA LYS A 39 -18.44 -12.30 -12.44
C LYS A 39 -18.85 -11.02 -11.73
N CYS A 40 -20.04 -11.02 -11.13
CA CYS A 40 -20.45 -9.88 -10.33
C CYS A 40 -19.75 -9.89 -8.98
N ALA A 41 -19.05 -8.80 -8.69
CA ALA A 41 -18.19 -8.73 -7.51
C ALA A 41 -18.96 -8.79 -6.19
N LEU A 42 -20.13 -8.16 -6.15
CA LEU A 42 -20.90 -8.02 -4.91
C LEU A 42 -21.09 -9.32 -4.14
N PHE A 43 -21.19 -10.44 -4.84
CA PHE A 43 -21.43 -11.72 -4.18
C PHE A 43 -20.12 -12.27 -3.65
N TYR A 44 -19.05 -11.92 -4.35
CA TYR A 44 -17.74 -12.50 -4.08
C TYR A 44 -16.85 -11.61 -3.21
N GLY A 45 -17.46 -10.93 -2.25
CA GLY A 45 -16.74 -10.04 -1.36
C GLY A 45 -17.67 -9.18 -0.54
N TYR A 46 -18.44 -8.35 -1.23
CA TYR A 46 -19.19 -7.25 -0.61
C TYR A 46 -20.40 -7.73 0.20
N ILE A 47 -21.21 -8.61 -0.40
CA ILE A 47 -22.43 -9.09 0.24
C ILE A 47 -22.27 -10.55 0.66
N ARG A 48 -23.06 -10.95 1.66
CA ARG A 48 -22.88 -12.28 2.25
C ARG A 48 -23.44 -13.42 1.40
N THR A 49 -24.59 -13.21 0.78
CA THR A 49 -25.27 -14.29 0.06
C THR A 49 -24.77 -14.50 -1.37
N ASN A 50 -25.21 -15.59 -1.98
CA ASN A 50 -24.88 -15.84 -3.38
C ASN A 50 -26.05 -15.50 -4.29
N TYR A 51 -25.87 -15.69 -5.59
CA TYR A 51 -26.84 -15.20 -6.57
C TYR A 51 -28.24 -15.78 -6.46
N SER A 52 -28.35 -17.10 -6.40
CA SER A 52 -29.63 -17.75 -6.35
C SER A 52 -30.47 -17.24 -5.18
N LEU A 53 -29.80 -17.00 -4.05
CA LEU A 53 -30.51 -16.55 -2.86
C LEU A 53 -31.03 -15.12 -3.02
N ALA A 54 -30.25 -14.31 -3.73
CA ALA A 54 -30.68 -12.95 -4.03
C ALA A 54 -31.96 -12.96 -4.84
N GLN A 55 -32.01 -13.81 -5.87
CA GLN A 55 -33.21 -13.93 -6.71
C GLN A 55 -34.39 -14.44 -5.90
N SER A 56 -34.18 -15.55 -5.20
CA SER A 56 -35.19 -16.15 -4.34
C SER A 56 -35.81 -15.12 -3.40
N ALA A 57 -34.95 -14.26 -2.84
CA ALA A 57 -35.38 -13.21 -1.92
C ALA A 57 -35.96 -12.02 -2.70
N GLY A 58 -36.06 -12.17 -4.02
CA GLY A 58 -36.80 -11.24 -4.83
C GLY A 58 -36.03 -10.02 -5.28
N LEU A 59 -34.72 -10.16 -5.39
CA LEU A 59 -33.89 -9.03 -5.81
C LEU A 59 -33.54 -9.16 -7.29
N SER A 60 -33.40 -8.03 -7.97
CA SER A 60 -33.05 -8.03 -9.38
C SER A 60 -31.56 -7.82 -9.57
N LEU A 61 -31.03 -8.39 -10.65
CA LEU A 61 -29.64 -8.20 -11.04
C LEU A 61 -29.60 -7.62 -12.45
N MET A 62 -28.94 -6.49 -12.60
CA MET A 62 -28.84 -5.84 -13.90
C MET A 62 -27.42 -5.39 -14.18
N TRP A 63 -27.05 -5.37 -15.46
CA TRP A 63 -25.73 -4.95 -15.89
C TRP A 63 -25.80 -3.70 -16.76
N TYR A 64 -24.98 -2.71 -16.44
CA TYR A 64 -24.90 -1.51 -17.26
C TYR A 64 -23.45 -1.27 -17.65
N LYS A 65 -23.23 -0.60 -18.78
CA LYS A 65 -21.86 -0.37 -19.24
C LYS A 65 -21.48 1.09 -19.23
N SER A 66 -20.37 1.39 -18.55
CA SER A 66 -19.80 2.73 -18.53
C SER A 66 -18.52 2.77 -19.36
N SER A 67 -18.29 3.91 -20.00
CA SER A 67 -17.08 4.10 -20.80
C SER A 67 -15.88 4.54 -19.95
N GLY A 68 -16.15 4.91 -18.70
CA GLY A 68 -15.13 5.39 -17.80
C GLY A 68 -15.76 6.26 -16.72
N PRO A 69 -14.93 6.83 -15.83
CA PRO A 69 -15.46 7.72 -14.79
C PRO A 69 -15.18 9.21 -15.07
N GLY A 70 -16.24 10.00 -15.23
CA GLY A 70 -17.60 9.51 -15.10
C GLY A 70 -18.37 9.66 -16.40
N ASP A 71 -18.64 8.53 -17.05
CA ASP A 71 -19.58 8.47 -18.15
C ASP A 71 -20.76 7.66 -17.68
N PHE A 72 -21.96 8.01 -18.13
CA PHE A 72 -23.09 7.32 -17.55
C PHE A 72 -23.77 6.36 -18.50
N GLU A 73 -24.40 5.40 -17.84
CA GLU A 73 -24.54 4.03 -18.32
C GLU A 73 -25.81 3.74 -19.08
N GLU A 74 -25.65 3.43 -20.35
CA GLU A 74 -26.68 2.75 -21.11
C GLU A 74 -26.65 1.29 -20.70
N PRO A 75 -27.84 0.68 -20.63
CA PRO A 75 -27.89 -0.74 -20.27
C PRO A 75 -27.22 -1.59 -21.33
N ILE A 76 -26.93 -2.85 -21.00
CA ILE A 76 -26.28 -3.74 -21.92
C ILE A 76 -27.29 -4.31 -22.91
N ALA A 77 -26.96 -4.25 -24.19
CA ALA A 77 -27.73 -4.92 -25.20
C ALA A 77 -27.14 -6.30 -25.47
N PHE A 78 -27.47 -7.27 -24.61
CA PHE A 78 -27.05 -8.65 -24.82
C PHE A 78 -27.73 -9.26 -26.05
N ASP A 79 -26.96 -9.94 -26.88
CA ASP A 79 -27.55 -10.93 -27.75
C ASP A 79 -27.48 -12.25 -26.97
N GLY A 80 -27.40 -13.39 -27.66
CA GLY A 80 -27.30 -14.66 -26.97
C GLY A 80 -26.04 -15.45 -27.29
N SER A 81 -25.29 -14.98 -28.28
CA SER A 81 -24.14 -15.71 -28.80
C SER A 81 -22.83 -15.24 -28.19
N ARG A 82 -22.31 -14.13 -28.69
CA ARG A 82 -21.06 -13.59 -28.18
C ARG A 82 -21.25 -13.07 -26.77
N MET A 83 -21.98 -11.95 -26.65
CA MET A 83 -22.22 -11.31 -25.37
C MET A 83 -23.50 -11.84 -24.70
N SER A 84 -23.39 -13.00 -24.06
CA SER A 84 -24.53 -13.60 -23.35
C SER A 84 -24.54 -13.11 -21.92
N LYS A 85 -25.71 -13.14 -21.30
CA LYS A 85 -25.85 -12.75 -19.90
C LYS A 85 -26.20 -13.99 -19.10
N GLU A 86 -25.21 -14.81 -18.81
CA GLU A 86 -25.47 -16.01 -18.03
C GLU A 86 -25.69 -15.68 -16.56
N GLU A 87 -25.83 -16.72 -15.74
CA GLU A 87 -26.40 -16.65 -14.40
C GLU A 87 -26.00 -15.46 -13.49
N ASP A 88 -24.75 -15.39 -13.10
CA ASP A 88 -24.32 -14.34 -12.17
C ASP A 88 -23.21 -13.51 -12.77
N SER A 89 -23.00 -13.66 -14.07
CA SER A 89 -21.83 -13.11 -14.74
C SER A 89 -22.17 -12.70 -16.17
N ILE A 90 -21.21 -12.04 -16.81
CA ILE A 90 -21.29 -11.81 -18.24
C ILE A 90 -20.24 -12.64 -18.96
N TRP A 91 -20.64 -13.27 -20.06
CA TRP A 91 -19.71 -14.01 -20.89
C TRP A 91 -19.44 -13.26 -22.20
N PHE A 92 -18.17 -13.14 -22.55
CA PHE A 92 -17.76 -12.59 -23.86
C PHE A 92 -17.16 -13.71 -24.70
N ARG A 93 -17.69 -13.92 -25.91
CA ARG A 93 -17.19 -15.00 -26.76
C ARG A 93 -17.22 -14.64 -28.24
N PRO A 94 -16.13 -14.08 -28.76
CA PRO A 94 -14.93 -13.75 -28.02
C PRO A 94 -14.94 -12.30 -27.56
N THR A 95 -13.85 -11.88 -26.95
CA THR A 95 -13.70 -10.49 -26.60
C THR A 95 -13.58 -9.61 -27.84
N LEU A 96 -14.11 -8.40 -27.77
CA LEU A 96 -13.98 -7.45 -28.85
C LEU A 96 -13.28 -6.20 -28.34
N LEU A 97 -12.67 -5.43 -29.23
CA LEU A 97 -11.93 -4.23 -28.79
C LEU A 97 -12.83 -3.19 -28.12
N GLN A 98 -14.01 -2.97 -28.70
CA GLN A 98 -14.95 -2.00 -28.17
C GLN A 98 -15.57 -2.45 -26.84
N ASP A 99 -15.21 -3.65 -26.39
CA ASP A 99 -15.74 -4.18 -25.14
C ASP A 99 -15.07 -3.57 -23.91
N SER A 100 -13.99 -2.83 -24.13
CA SER A 100 -13.29 -2.22 -23.01
C SER A 100 -14.20 -1.24 -22.30
N GLY A 101 -14.11 -1.19 -20.98
CA GLY A 101 -14.90 -0.27 -20.19
C GLY A 101 -15.18 -0.76 -18.78
N LEU A 102 -16.07 -0.06 -18.08
CA LEU A 102 -16.54 -0.47 -16.76
C LEU A 102 -17.93 -1.07 -16.86
N TYR A 103 -18.16 -2.16 -16.13
CA TYR A 103 -19.45 -2.83 -16.20
C TYR A 103 -20.09 -2.85 -14.83
N ALA A 104 -21.07 -1.98 -14.63
CA ALA A 104 -21.70 -1.84 -13.33
C ALA A 104 -22.70 -2.95 -13.09
N CYS A 105 -22.58 -3.58 -11.92
CA CYS A 105 -23.40 -4.71 -11.53
C CYS A 105 -24.37 -4.26 -10.43
N VAL A 106 -25.66 -4.18 -10.75
CA VAL A 106 -26.65 -3.62 -9.83
C VAL A 106 -27.61 -4.65 -9.26
N ILE A 107 -27.95 -4.47 -7.99
CA ILE A 107 -28.88 -5.35 -7.28
C ILE A 107 -29.98 -4.49 -6.65
N ARG A 108 -31.23 -4.95 -6.69
CA ARG A 108 -32.35 -4.11 -6.24
C ARG A 108 -33.53 -4.75 -5.52
N ASN A 109 -33.94 -4.06 -4.47
CA ASN A 109 -35.24 -4.21 -3.83
C ASN A 109 -36.10 -3.09 -4.36
N SER A 110 -37.09 -2.72 -3.55
CA SER A 110 -37.81 -1.47 -3.72
C SER A 110 -37.34 -0.55 -2.61
N THR A 111 -36.61 -1.13 -1.66
CA THR A 111 -36.06 -0.39 -0.52
C THR A 111 -34.55 -0.58 -0.37
N TYR A 112 -33.95 -1.33 -1.28
CA TYR A 112 -32.55 -1.75 -1.18
C TYR A 112 -31.90 -1.69 -2.55
N CYS A 113 -30.73 -1.07 -2.65
CA CYS A 113 -29.97 -1.08 -3.88
C CYS A 113 -28.47 -0.99 -3.63
N MET A 114 -27.68 -1.69 -4.43
CA MET A 114 -26.24 -1.72 -4.25
C MET A 114 -25.58 -2.06 -5.57
N LYS A 115 -24.51 -1.35 -5.92
CA LYS A 115 -23.84 -1.63 -7.17
C LYS A 115 -22.34 -1.47 -7.08
N VAL A 116 -21.62 -2.28 -7.85
CA VAL A 116 -20.19 -2.17 -7.99
C VAL A 116 -19.83 -2.15 -9.47
N SER A 117 -18.80 -1.41 -9.84
CA SER A 117 -18.38 -1.41 -11.24
C SER A 117 -17.19 -2.33 -11.43
N ILE A 118 -17.07 -2.89 -12.62
CA ILE A 118 -16.02 -3.85 -12.88
C ILE A 118 -15.27 -3.47 -14.14
N SER A 119 -13.95 -3.32 -14.01
CA SER A 119 -13.12 -2.86 -15.12
C SER A 119 -12.84 -4.01 -16.09
N LEU A 120 -12.86 -3.70 -17.39
CA LEU A 120 -12.54 -4.69 -18.40
C LEU A 120 -11.71 -4.02 -19.48
N THR A 121 -10.45 -4.43 -19.56
CA THR A 121 -9.52 -3.86 -20.52
C THR A 121 -9.20 -4.88 -21.59
N VAL A 122 -9.29 -4.46 -22.84
CA VAL A 122 -9.07 -5.35 -23.99
C VAL A 122 -7.94 -4.84 -24.86
N GLY A 123 -6.76 -5.45 -24.70
CA GLY A 123 -5.57 -5.02 -25.40
C GLY A 123 -5.21 -5.81 -26.65
N GLU A 124 -4.11 -5.42 -27.29
CA GLU A 124 -3.60 -6.09 -28.48
C GLU A 124 -2.25 -6.74 -28.19
N ASN A 125 -1.82 -7.73 -29.01
CA ASN A 125 -0.46 -8.27 -28.92
C ASN A 125 0.51 -7.12 -29.10
N ASP A 126 1.52 -7.04 -28.24
CA ASP A 126 2.63 -6.13 -28.50
C ASP A 126 3.26 -6.54 -29.83
N THR A 127 3.73 -5.56 -30.59
CA THR A 127 4.21 -5.82 -31.94
C THR A 127 5.31 -6.88 -31.94
N GLY A 128 5.10 -7.93 -32.73
CA GLY A 128 6.06 -9.01 -32.82
C GLY A 128 6.06 -9.95 -31.63
N LEU A 129 5.31 -9.61 -30.59
CA LEU A 129 5.25 -10.42 -29.39
C LEU A 129 3.85 -10.98 -29.18
N CYS A 130 3.72 -11.97 -28.29
CA CYS A 130 2.42 -12.62 -28.09
C CYS A 130 1.70 -12.09 -26.84
N TYR A 131 2.37 -11.26 -26.06
CA TYR A 131 1.72 -10.63 -24.92
C TYR A 131 1.52 -9.13 -25.14
N ASN A 132 0.87 -8.49 -24.17
CA ASN A 132 0.81 -7.05 -24.10
C ASN A 132 1.56 -6.60 -22.86
N SER A 133 2.56 -5.76 -23.04
CA SER A 133 3.49 -5.40 -21.96
C SER A 133 2.79 -4.88 -20.70
N LYS A 134 1.88 -3.93 -20.88
CA LYS A 134 1.14 -3.32 -19.77
C LYS A 134 0.05 -4.27 -19.27
N MET A 135 0.14 -5.53 -19.67
CA MET A 135 -0.88 -6.55 -19.39
C MET A 135 -0.22 -7.90 -19.08
N LYS A 136 0.32 -8.03 -17.87
CA LYS A 136 1.21 -9.13 -17.55
C LYS A 136 1.20 -9.47 -16.06
N TYR A 137 1.54 -10.71 -15.72
CA TYR A 137 1.70 -11.07 -14.32
C TYR A 137 3.16 -10.89 -13.92
N PHE A 138 3.43 -10.79 -12.63
CA PHE A 138 4.80 -10.59 -12.17
C PHE A 138 5.14 -11.48 -10.99
N GLU A 139 6.27 -12.16 -11.07
CA GLU A 139 6.70 -13.01 -9.97
C GLU A 139 8.18 -12.82 -9.68
N LYS A 140 8.61 -13.32 -8.54
CA LYS A 140 10.00 -13.22 -8.12
C LYS A 140 10.48 -14.56 -7.57
N ALA A 141 11.75 -14.85 -7.81
CA ALA A 141 12.33 -16.08 -7.27
C ALA A 141 13.79 -15.85 -6.84
N GLU A 142 14.23 -16.62 -5.86
CA GLU A 142 15.61 -16.57 -5.39
C GLU A 142 16.45 -17.61 -6.11
N LEU A 143 17.69 -17.25 -6.44
CA LEU A 143 18.64 -18.19 -7.01
C LEU A 143 18.92 -19.35 -6.04
N SER A 144 19.06 -20.55 -6.59
CA SER A 144 19.33 -21.78 -5.83
C SER A 144 18.12 -22.35 -5.09
N LYS A 145 16.96 -21.71 -5.23
CA LYS A 145 15.73 -22.21 -4.63
C LYS A 145 14.69 -22.56 -5.69
N SER A 146 13.58 -23.14 -5.27
CA SER A 146 12.59 -23.58 -6.24
C SER A 146 11.47 -22.55 -6.40
N LYS A 147 11.06 -22.32 -7.64
CA LYS A 147 9.93 -21.45 -7.94
C LYS A 147 8.84 -22.17 -8.72
N GLU A 148 7.59 -21.85 -8.42
CA GLU A 148 6.49 -22.45 -9.15
C GLU A 148 5.62 -21.40 -9.86
N ILE A 149 5.69 -21.37 -11.19
CA ILE A 149 4.82 -20.51 -11.98
C ILE A 149 3.53 -21.24 -12.32
N SER A 150 2.41 -20.54 -12.19
CA SER A 150 1.13 -21.19 -12.43
C SER A 150 0.45 -20.52 -13.60
N CYS A 151 -0.40 -21.27 -14.28
CA CYS A 151 -1.23 -20.66 -15.32
C CYS A 151 -2.56 -20.21 -14.72
N ARG A 152 -2.89 -18.95 -14.92
CA ARG A 152 -4.06 -18.35 -14.29
C ARG A 152 -4.51 -17.23 -15.19
N ASP A 153 -5.78 -16.80 -15.13
CA ASP A 153 -6.82 -17.45 -14.37
C ASP A 153 -7.59 -18.29 -15.36
N ILE A 154 -7.59 -19.60 -15.17
CA ILE A 154 -8.00 -20.50 -16.22
C ILE A 154 -9.20 -21.31 -15.75
N GLU A 155 -9.64 -21.02 -14.54
CA GLU A 155 -10.76 -21.70 -13.88
C GLU A 155 -11.88 -22.13 -14.82
N ASP A 156 -12.27 -21.26 -15.75
CA ASP A 156 -13.42 -21.53 -16.59
C ASP A 156 -13.05 -22.36 -17.81
N PHE A 157 -11.85 -22.16 -18.32
CA PHE A 157 -11.40 -22.89 -19.50
C PHE A 157 -10.73 -24.20 -19.12
N LEU A 158 -10.64 -24.40 -17.80
CA LEU A 158 -10.25 -25.67 -17.22
C LEU A 158 -11.06 -26.80 -17.79
N LEU A 159 -10.37 -27.86 -18.22
CA LEU A 159 -11.04 -29.07 -18.66
C LEU A 159 -10.45 -30.25 -17.88
N PRO A 160 -11.27 -31.28 -17.57
CA PRO A 160 -10.85 -32.43 -16.74
C PRO A 160 -10.18 -33.55 -17.52
N THR A 161 -9.73 -33.26 -18.74
CA THR A 161 -9.04 -34.26 -19.54
C THR A 161 -7.57 -33.88 -19.77
N ARG A 162 -6.73 -34.88 -20.05
CA ARG A 162 -5.33 -34.63 -20.38
C ARG A 162 -5.22 -33.65 -21.54
N GLU A 163 -5.98 -33.91 -22.61
CA GLU A 163 -6.07 -32.97 -23.73
C GLU A 163 -7.32 -32.09 -23.64
N PRO A 164 -7.21 -30.83 -24.07
CA PRO A 164 -6.00 -30.20 -24.61
C PRO A 164 -4.99 -29.84 -23.52
N GLU A 165 -3.72 -29.73 -23.88
CA GLU A 165 -2.70 -29.40 -22.91
C GLU A 165 -2.24 -27.96 -23.08
N ILE A 166 -1.69 -27.44 -22.00
CA ILE A 166 -1.25 -26.05 -21.98
C ILE A 166 0.24 -25.98 -22.35
N LEU A 167 0.53 -25.15 -23.35
CA LEU A 167 1.90 -25.02 -23.84
C LEU A 167 2.58 -23.80 -23.26
N TRP A 168 3.83 -23.98 -22.84
CA TRP A 168 4.59 -22.89 -22.26
C TRP A 168 5.65 -22.35 -23.22
N TYR A 169 5.62 -21.06 -23.45
CA TYR A 169 6.64 -20.40 -24.26
C TYR A 169 7.60 -19.63 -23.36
N LYS A 170 8.80 -19.39 -23.87
CA LYS A 170 9.72 -18.47 -23.22
C LYS A 170 10.09 -17.40 -24.23
N GLU A 171 9.88 -16.14 -23.86
CA GLU A 171 10.03 -15.03 -24.80
C GLU A 171 9.21 -15.31 -26.05
N CYS A 172 7.99 -15.77 -25.82
CA CYS A 172 7.02 -16.03 -26.88
C CYS A 172 7.50 -17.02 -27.94
N ARG A 173 8.40 -17.92 -27.55
CA ARG A 173 8.96 -18.92 -28.48
C ARG A 173 9.12 -20.26 -27.78
N THR A 174 8.83 -21.34 -28.50
CA THR A 174 9.01 -22.67 -27.95
C THR A 174 10.49 -22.93 -27.71
N LYS A 175 10.79 -23.67 -26.64
CA LYS A 175 12.17 -24.01 -26.35
C LYS A 175 12.28 -25.41 -25.75
N ALA A 176 13.42 -26.04 -25.95
CA ALA A 176 13.72 -27.31 -25.30
C ALA A 176 14.04 -27.07 -23.83
N TRP A 177 13.09 -27.44 -22.97
CA TRP A 177 13.21 -27.20 -21.54
C TRP A 177 14.15 -28.20 -20.89
N ARG A 178 15.02 -27.71 -20.00
CA ARG A 178 15.89 -28.60 -19.24
C ARG A 178 15.05 -29.47 -18.31
N PRO A 179 15.60 -30.59 -17.84
CA PRO A 179 14.77 -31.53 -17.07
C PRO A 179 14.55 -31.17 -15.61
N SER A 180 15.32 -30.22 -15.07
CA SER A 180 15.11 -29.80 -13.70
C SER A 180 13.76 -29.08 -13.59
N ILE A 181 13.30 -28.55 -14.72
CA ILE A 181 11.98 -27.94 -14.86
C ILE A 181 10.86 -28.99 -15.04
N VAL A 182 9.97 -29.06 -14.05
CA VAL A 182 8.92 -30.07 -14.02
C VAL A 182 7.57 -29.46 -14.36
N PHE A 183 6.81 -30.16 -15.20
CA PHE A 183 5.51 -29.66 -15.62
C PHE A 183 4.37 -30.49 -15.03
N LYS A 184 3.38 -29.80 -14.47
CA LYS A 184 2.10 -30.44 -14.18
C LYS A 184 0.99 -29.74 -14.97
N ARG A 185 -0.26 -29.98 -14.58
CA ARG A 185 -1.39 -29.56 -15.40
C ARG A 185 -1.36 -28.06 -15.72
N ASP A 186 -1.37 -27.21 -14.71
CA ASP A 186 -1.46 -25.77 -14.93
C ASP A 186 -0.27 -25.02 -14.33
N THR A 187 0.73 -25.78 -13.90
CA THR A 187 1.89 -25.16 -13.26
C THR A 187 3.19 -25.57 -13.92
N LEU A 188 4.18 -24.71 -13.75
CA LEU A 188 5.55 -24.94 -14.18
C LEU A 188 6.47 -24.88 -12.96
N LEU A 189 7.30 -25.89 -12.76
CA LEU A 189 8.12 -25.94 -11.57
C LEU A 189 9.61 -25.90 -11.90
N ILE A 190 10.31 -24.97 -11.29
CA ILE A 190 11.76 -24.88 -11.40
C ILE A 190 12.38 -25.31 -10.08
N LYS A 191 13.07 -26.45 -10.08
CA LYS A 191 13.60 -26.99 -8.82
C LYS A 191 14.80 -26.20 -8.30
N GLU A 192 15.55 -25.57 -9.22
CA GLU A 192 16.63 -24.66 -8.84
C GLU A 192 16.74 -23.48 -9.81
N VAL A 193 16.34 -22.29 -9.36
CA VAL A 193 16.31 -21.13 -10.23
C VAL A 193 17.71 -20.66 -10.63
N LYS A 194 17.89 -20.37 -11.92
CA LYS A 194 19.14 -19.86 -12.44
C LYS A 194 18.93 -18.52 -13.14
N GLU A 195 20.01 -17.76 -13.32
CA GLU A 195 19.91 -16.44 -13.94
C GLU A 195 19.34 -16.50 -15.35
N ASP A 196 19.46 -17.67 -15.98
CA ASP A 196 18.90 -17.90 -17.31
C ASP A 196 17.38 -17.86 -17.26
N ASP A 197 16.82 -18.27 -16.13
CA ASP A 197 15.38 -18.41 -15.95
C ASP A 197 14.64 -17.07 -15.87
N ILE A 198 15.39 -15.98 -15.83
CA ILE A 198 14.83 -14.64 -15.91
C ILE A 198 14.01 -14.48 -17.18
N GLY A 199 12.88 -13.79 -17.10
CA GLY A 199 12.19 -13.41 -18.32
C GLY A 199 10.72 -13.74 -18.39
N ASN A 200 10.18 -13.64 -19.60
CA ASN A 200 8.73 -13.69 -19.82
C ASN A 200 8.18 -15.07 -20.19
N TYR A 201 7.50 -15.70 -19.24
CA TYR A 201 6.91 -17.02 -19.44
C TYR A 201 5.46 -16.90 -19.93
N THR A 202 5.11 -17.68 -20.94
CA THR A 202 3.78 -17.62 -21.52
C THR A 202 3.07 -18.96 -21.53
N CYS A 203 1.88 -19.03 -20.94
CA CYS A 203 1.10 -20.24 -21.03
C CYS A 203 0.00 -20.07 -22.08
N GLU A 204 -0.31 -21.15 -22.79
CA GLU A 204 -1.33 -21.10 -23.85
C GLU A 204 -2.33 -22.24 -23.72
N LEU A 205 -3.61 -21.90 -23.75
CA LEU A 205 -4.65 -22.91 -23.63
C LEU A 205 -5.69 -22.83 -24.74
N LYS A 206 -6.15 -24.01 -25.17
CA LYS A 206 -7.18 -24.12 -26.19
C LYS A 206 -8.52 -24.43 -25.54
N TYR A 207 -9.57 -23.77 -25.99
CA TYR A 207 -10.93 -23.98 -25.48
C TYR A 207 -11.91 -23.12 -26.28
N GLY A 208 -12.98 -23.71 -26.80
CA GLY A 208 -13.99 -22.87 -27.43
C GLY A 208 -14.55 -23.18 -28.80
N GLY A 209 -13.70 -23.37 -29.81
CA GLY A 209 -12.26 -23.33 -29.68
C GLY A 209 -11.68 -21.94 -29.83
N PHE A 210 -11.27 -21.37 -28.70
CA PHE A 210 -10.55 -20.12 -28.69
C PHE A 210 -9.15 -20.35 -28.15
N VAL A 211 -8.35 -19.30 -28.12
CA VAL A 211 -7.01 -19.39 -27.55
C VAL A 211 -6.86 -18.45 -26.38
N VAL A 212 -6.48 -18.99 -25.23
CA VAL A 212 -6.29 -18.21 -24.02
C VAL A 212 -4.82 -18.19 -23.63
N ARG A 213 -4.23 -17.00 -23.53
CA ARG A 213 -2.80 -16.88 -23.21
C ARG A 213 -2.52 -15.94 -22.03
N ARG A 214 -1.63 -16.36 -21.15
CA ARG A 214 -1.27 -15.58 -19.98
C ARG A 214 0.24 -15.59 -19.78
N THR A 215 0.83 -14.41 -19.70
CA THR A 215 2.26 -14.32 -19.53
C THR A 215 2.65 -13.72 -18.18
N THR A 216 3.59 -14.37 -17.50
CA THR A 216 4.12 -13.83 -16.25
C THR A 216 5.61 -13.52 -16.41
N GLU A 217 6.00 -12.33 -16.02
CA GLU A 217 7.40 -11.94 -16.10
C GLU A 217 8.10 -12.33 -14.81
N LEU A 218 9.26 -12.95 -14.95
CA LEU A 218 10.00 -13.44 -13.80
C LEU A 218 11.26 -12.62 -13.61
N THR A 219 11.39 -12.07 -12.42
CA THR A 219 12.63 -11.42 -12.02
C THR A 219 13.29 -12.27 -10.94
N VAL A 220 14.61 -12.34 -10.97
CA VAL A 220 15.34 -13.19 -10.04
C VAL A 220 16.27 -12.37 -9.15
N THR A 221 16.38 -12.80 -7.89
CA THR A 221 17.24 -12.14 -6.93
C THR A 221 18.12 -13.16 -6.23
N ALA A 222 19.06 -12.67 -5.44
CA ALA A 222 19.89 -13.53 -4.61
C ALA A 222 19.02 -14.21 -3.56
N PRO A 223 19.51 -15.31 -2.99
CA PRO A 223 18.76 -15.86 -1.86
C PRO A 223 18.73 -14.88 -0.68
N LEU A 224 17.75 -15.04 0.21
CA LEU A 224 17.70 -14.25 1.43
C LEU A 224 18.99 -14.38 2.24
N THR A 225 19.78 -13.31 2.28
CA THR A 225 21.07 -13.34 2.95
C THR A 225 20.89 -13.59 4.43
N ASP A 226 21.88 -14.18 5.08
CA ASP A 226 21.80 -14.49 6.51
C ASP A 226 22.82 -13.67 7.28
N LYS A 227 23.52 -12.79 6.58
CA LYS A 227 24.53 -11.95 7.22
C LYS A 227 24.12 -10.47 7.23
N PRO A 228 24.51 -9.74 8.29
CA PRO A 228 24.30 -8.29 8.43
C PRO A 228 24.87 -7.54 7.24
N PRO A 229 24.59 -6.23 7.13
CA PRO A 229 25.12 -5.56 5.94
C PRO A 229 26.58 -5.17 6.14
N LYS A 230 27.27 -4.78 5.08
CA LYS A 230 28.70 -4.57 5.13
C LYS A 230 29.06 -3.10 4.92
N LEU A 231 29.73 -2.51 5.90
CA LEU A 231 30.18 -1.13 5.79
C LEU A 231 31.40 -1.04 4.87
N LEU A 232 31.45 0.04 4.10
CA LEU A 232 32.58 0.33 3.22
C LEU A 232 33.23 1.66 3.65
N TYR A 233 32.58 2.77 3.30
CA TYR A 233 32.87 4.08 3.86
C TYR A 233 31.92 4.33 5.03
N PRO A 234 32.43 4.39 6.26
CA PRO A 234 33.77 4.06 6.75
C PRO A 234 33.78 2.62 7.25
N MET A 235 34.94 2.14 7.67
CA MET A 235 35.13 0.73 7.96
C MET A 235 34.90 0.37 9.43
N GLU A 236 34.53 -0.88 9.68
CA GLU A 236 34.02 -1.28 10.99
C GLU A 236 35.09 -1.38 12.07
N SER A 237 36.35 -1.20 11.69
CA SER A 237 37.43 -1.23 12.68
C SER A 237 38.18 0.09 12.79
N LYS A 238 38.65 0.60 11.66
CA LYS A 238 39.39 1.87 11.63
C LYS A 238 38.53 3.05 12.05
N LEU A 239 39.10 3.95 12.84
CA LEU A 239 38.42 5.21 13.15
C LEU A 239 38.88 6.29 12.16
N THR A 240 38.27 6.32 10.99
CA THR A 240 38.65 7.27 9.96
C THR A 240 38.42 8.70 10.44
N VAL A 241 39.10 9.63 9.79
CA VAL A 241 39.18 11.02 10.25
C VAL A 241 38.83 11.92 9.08
N GLN A 242 37.95 12.88 9.31
CA GLN A 242 37.66 13.85 8.26
C GLN A 242 38.03 15.23 8.74
N GLU A 243 38.76 15.96 7.89
CA GLU A 243 39.25 17.28 8.23
C GLU A 243 38.26 18.32 7.76
N THR A 244 38.07 19.36 8.57
CA THR A 244 37.19 20.46 8.17
C THR A 244 37.59 21.78 8.84
N GLN A 245 37.13 22.89 8.28
CA GLN A 245 37.38 24.22 8.86
C GLN A 245 36.17 24.72 9.62
N LEU A 246 36.41 25.61 10.58
CA LEU A 246 35.31 26.23 11.30
C LEU A 246 34.58 27.16 10.34
N GLY A 247 33.26 27.08 10.34
CA GLY A 247 32.45 27.95 9.51
C GLY A 247 32.43 27.50 8.06
N GLY A 248 32.67 26.22 7.84
CA GLY A 248 32.57 25.64 6.52
C GLY A 248 31.43 24.63 6.54
N SER A 249 31.37 23.78 5.53
CA SER A 249 30.39 22.70 5.53
C SER A 249 31.09 21.35 5.48
N ALA A 250 30.45 20.33 6.03
CA ALA A 250 31.04 19.01 6.08
C ALA A 250 30.07 17.93 5.65
N ASN A 251 30.41 17.22 4.58
CA ASN A 251 29.56 16.14 4.06
C ASN A 251 30.21 14.79 4.39
N LEU A 252 29.71 14.17 5.45
CA LEU A 252 30.23 12.88 5.90
C LEU A 252 29.42 11.74 5.29
N THR A 253 29.89 11.21 4.17
CA THR A 253 29.11 10.24 3.40
C THR A 253 29.35 8.78 3.81
N CYS A 254 28.28 8.08 4.17
CA CYS A 254 28.41 6.67 4.53
C CYS A 254 27.94 5.78 3.39
N ARG A 255 28.70 4.72 3.13
CA ARG A 255 28.45 3.87 1.99
C ARG A 255 28.51 2.42 2.44
N ALA A 256 27.45 1.66 2.14
CA ALA A 256 27.32 0.31 2.67
C ALA A 256 26.69 -0.66 1.69
N PHE A 257 26.93 -1.94 1.90
CA PHE A 257 26.35 -2.98 1.05
C PHE A 257 25.27 -3.74 1.78
N PHE A 258 24.14 -3.95 1.10
CA PHE A 258 23.02 -4.70 1.67
C PHE A 258 22.71 -5.91 0.81
N GLY A 259 22.66 -7.08 1.44
CA GLY A 259 22.25 -8.29 0.76
C GLY A 259 20.76 -8.24 0.53
N TYR A 260 20.20 -9.35 0.05
CA TYR A 260 18.77 -9.39 -0.24
C TYR A 260 17.97 -9.82 0.97
N SER A 261 17.13 -8.93 1.47
CA SER A 261 16.30 -9.26 2.63
C SER A 261 14.82 -9.12 2.32
N GLY A 262 14.50 -8.99 1.03
CA GLY A 262 13.12 -8.84 0.63
C GLY A 262 12.80 -7.43 0.18
N ASP A 263 11.52 -7.08 0.24
CA ASP A 263 11.05 -5.82 -0.29
C ASP A 263 11.24 -4.68 0.71
N VAL A 264 12.06 -4.91 1.72
CA VAL A 264 12.36 -3.89 2.73
C VAL A 264 13.37 -2.87 2.22
N SER A 265 13.19 -1.60 2.58
CA SER A 265 14.18 -0.57 2.28
C SER A 265 15.33 -0.63 3.28
N PRO A 266 16.54 -0.26 2.84
CA PRO A 266 17.74 -0.39 3.67
C PRO A 266 17.79 0.59 4.82
N LEU A 267 18.11 0.10 6.00
CA LEU A 267 18.19 0.97 7.16
C LEU A 267 19.65 1.38 7.42
N ILE A 268 20.01 2.55 6.91
CA ILE A 268 21.31 3.15 7.17
C ILE A 268 21.14 4.58 7.73
N TYR A 269 21.79 4.86 8.86
CA TYR A 269 21.61 6.15 9.51
C TYR A 269 22.80 6.57 10.35
N TRP A 270 22.97 7.90 10.44
CA TRP A 270 24.03 8.48 11.25
C TRP A 270 23.60 8.73 12.68
N MET A 271 24.53 8.59 13.60
CA MET A 271 24.33 9.05 14.97
C MET A 271 25.45 9.99 15.42
N LYS A 272 25.28 10.58 16.59
CA LYS A 272 26.35 11.33 17.22
C LYS A 272 26.29 11.01 18.70
N GLY A 273 27.03 10.00 19.11
CA GLY A 273 26.91 9.50 20.46
C GLY A 273 25.56 8.86 20.63
N GLU A 274 24.78 9.33 21.62
CA GLU A 274 23.47 8.75 21.87
C GLU A 274 22.41 9.42 21.00
N LYS A 275 22.81 10.48 20.30
CA LYS A 275 21.86 11.28 19.53
C LYS A 275 21.68 10.83 18.07
N PHE A 276 20.44 10.54 17.69
CA PHE A 276 20.12 10.28 16.29
C PHE A 276 19.98 11.59 15.53
N ILE A 277 20.53 11.65 14.32
CA ILE A 277 20.51 12.89 13.55
C ILE A 277 19.12 13.16 12.99
N GLU A 278 18.47 12.11 12.52
CA GLU A 278 17.15 12.21 11.89
C GLU A 278 16.07 12.65 12.88
N ASP A 279 16.41 12.65 14.17
CA ASP A 279 15.49 13.03 15.23
C ASP A 279 15.76 14.46 15.73
N LEU A 280 16.51 15.23 14.96
CA LEU A 280 16.85 16.58 15.38
C LEU A 280 16.17 17.63 14.52
N ASP A 281 15.31 18.44 15.12
CA ASP A 281 14.71 19.58 14.42
C ASP A 281 15.71 20.74 14.37
N GLU A 282 16.58 20.74 13.36
CA GLU A 282 17.60 21.77 13.18
C GLU A 282 17.87 22.03 11.70
N ASN A 283 18.40 23.21 11.41
CA ASN A 283 18.81 23.54 10.05
C ASN A 283 20.32 23.50 9.97
N ARG A 284 20.96 23.12 11.07
CA ARG A 284 22.41 23.11 11.11
C ARG A 284 22.96 21.73 10.74
N VAL A 285 22.40 20.67 11.32
CA VAL A 285 22.81 19.33 10.96
C VAL A 285 21.64 18.53 10.45
N TRP A 286 21.92 17.60 9.54
CA TRP A 286 20.89 16.78 8.92
C TRP A 286 21.45 15.70 7.99
N GLU A 287 20.79 14.53 7.98
CA GLU A 287 21.12 13.48 7.02
C GLU A 287 20.52 13.79 5.64
N SER A 288 21.16 13.31 4.60
CA SER A 288 20.61 13.39 3.26
C SER A 288 19.60 12.28 3.11
N ASP A 289 18.99 12.18 1.94
CA ASP A 289 18.16 11.04 1.64
C ASP A 289 19.07 9.91 1.18
N ILE A 290 18.70 8.69 1.51
CA ILE A 290 19.43 7.51 1.06
C ILE A 290 19.57 7.46 -0.46
N ARG A 291 20.78 7.20 -0.94
CA ARG A 291 21.02 7.03 -2.37
C ARG A 291 21.27 5.58 -2.65
N ILE A 292 20.69 5.07 -3.72
CA ILE A 292 20.99 3.72 -4.15
C ILE A 292 21.99 3.82 -5.28
N LEU A 293 23.21 3.32 -5.05
CA LEU A 293 24.30 3.55 -5.98
C LEU A 293 24.48 2.39 -6.94
N LYS A 294 24.13 1.20 -6.47
CA LYS A 294 24.21 -0.01 -7.27
C LYS A 294 23.10 -0.95 -6.84
N GLU A 295 22.44 -1.56 -7.82
CA GLU A 295 21.37 -2.51 -7.58
C GLU A 295 21.49 -3.69 -8.54
N HIS A 296 21.62 -4.90 -8.01
CA HIS A 296 21.72 -6.08 -8.87
C HIS A 296 21.21 -7.36 -8.22
N LEU A 297 19.90 -7.54 -8.28
CA LEU A 297 19.21 -8.80 -8.00
C LEU A 297 19.50 -9.55 -6.70
N GLY A 298 18.98 -9.08 -5.58
CA GLY A 298 18.41 -7.76 -5.41
C GLY A 298 19.28 -7.22 -4.29
N GLU A 299 20.53 -6.97 -4.64
CA GLU A 299 21.54 -6.55 -3.68
C GLU A 299 21.97 -5.13 -3.99
N GLN A 300 22.09 -4.32 -2.95
CA GLN A 300 22.31 -2.88 -3.14
C GLN A 300 23.58 -2.37 -2.49
N GLU A 301 24.18 -1.37 -3.14
CA GLU A 301 25.14 -0.49 -2.50
C GLU A 301 24.46 0.86 -2.29
N VAL A 302 24.32 1.27 -1.03
CA VAL A 302 23.62 2.52 -0.75
C VAL A 302 24.46 3.54 0.02
N SER A 303 24.03 4.79 -0.07
CA SER A 303 24.78 5.90 0.47
C SER A 303 23.85 6.87 1.18
N ILE A 304 24.20 7.22 2.41
CA ILE A 304 23.53 8.30 3.12
C ILE A 304 24.60 9.18 3.71
N SER A 305 24.39 10.48 3.69
CA SER A 305 25.45 11.38 4.07
C SER A 305 25.03 12.32 5.21
N LEU A 306 26.02 12.80 5.96
CA LEU A 306 25.73 13.69 7.08
C LEU A 306 26.24 15.09 6.77
N ILE A 307 25.33 16.07 6.81
CA ILE A 307 25.71 17.42 6.45
C ILE A 307 25.70 18.37 7.65
N VAL A 308 26.78 19.12 7.80
CA VAL A 308 26.86 20.20 8.78
C VAL A 308 27.24 21.47 8.03
N ASP A 309 26.45 22.53 8.18
CA ASP A 309 26.51 23.66 7.25
C ASP A 309 27.42 24.83 7.65
N SER A 310 27.47 25.14 8.94
CA SER A 310 28.41 26.14 9.45
C SER A 310 29.07 25.53 10.67
N VAL A 311 30.29 25.03 10.48
CA VAL A 311 30.90 24.19 11.49
C VAL A 311 31.23 24.96 12.77
N GLU A 312 30.46 24.71 13.82
CA GLU A 312 30.77 25.20 15.15
C GLU A 312 31.70 24.21 15.84
N GLU A 313 32.31 24.63 16.94
CA GLU A 313 33.22 23.76 17.66
C GLU A 313 32.47 22.59 18.30
N GLY A 314 31.20 22.79 18.57
CA GLY A 314 30.37 21.74 19.14
C GLY A 314 30.16 20.59 18.19
N ASP A 315 30.28 20.88 16.89
CA ASP A 315 30.09 19.87 15.85
C ASP A 315 31.20 18.84 15.84
N LEU A 316 32.41 19.29 16.11
CA LEU A 316 33.59 18.43 16.05
C LEU A 316 33.45 17.22 16.96
N GLY A 317 34.09 16.12 16.58
CA GLY A 317 34.06 14.93 17.40
C GLY A 317 33.51 13.72 16.67
N ASN A 318 33.09 12.73 17.45
CA ASN A 318 32.67 11.45 16.89
C ASN A 318 31.28 11.40 16.28
N TYR A 319 31.24 10.97 15.03
CA TYR A 319 30.02 10.57 14.38
C TYR A 319 30.16 9.10 13.97
N SER A 320 29.09 8.34 14.07
CA SER A 320 29.18 6.95 13.65
C SER A 320 27.99 6.57 12.78
N CYS A 321 28.30 5.95 11.64
CA CYS A 321 27.30 5.49 10.68
C CYS A 321 26.79 4.12 11.08
N TYR A 322 25.46 3.99 11.16
CA TYR A 322 24.84 2.74 11.58
C TYR A 322 24.14 2.07 10.40
N VAL A 323 24.14 0.75 10.41
CA VAL A 323 23.66 -0.04 9.30
C VAL A 323 23.01 -1.31 9.84
N GLU A 324 21.73 -1.50 9.51
CA GLU A 324 20.95 -2.57 10.12
C GLU A 324 20.18 -3.40 9.11
N ASN A 325 19.90 -4.62 9.54
CA ASN A 325 19.38 -5.69 8.72
C ASN A 325 18.72 -6.65 9.68
N GLY A 326 17.96 -7.61 9.16
CA GLY A 326 17.32 -8.56 10.06
C GLY A 326 18.35 -9.39 10.80
N ASN A 327 19.58 -9.40 10.32
CA ASN A 327 20.61 -10.25 10.88
C ASN A 327 21.51 -9.51 11.86
N GLY A 328 21.46 -8.19 11.84
CA GLY A 328 22.25 -7.42 12.78
C GLY A 328 22.45 -5.94 12.54
N ARG A 329 23.14 -5.33 13.49
CA ARG A 329 23.40 -3.92 13.50
C ARG A 329 24.92 -3.77 13.52
N ARG A 330 25.46 -2.91 12.65
CA ARG A 330 26.90 -2.65 12.61
C ARG A 330 27.12 -1.15 12.47
N HIS A 331 28.23 -0.66 13.00
CA HIS A 331 28.51 0.76 12.91
C HIS A 331 30.00 1.04 12.73
N ALA A 332 30.30 2.18 12.12
CA ALA A 332 31.66 2.62 11.91
C ALA A 332 31.74 4.11 12.22
N SER A 333 32.84 4.54 12.82
CA SER A 333 32.92 5.91 13.32
C SER A 333 33.87 6.81 12.52
N VAL A 334 33.56 8.10 12.54
CA VAL A 334 34.41 9.10 11.92
C VAL A 334 34.67 10.21 12.92
N LEU A 335 35.92 10.69 12.95
CA LEU A 335 36.25 11.83 13.78
C LEU A 335 36.35 13.09 12.93
N LEU A 336 35.58 14.11 13.30
CA LEU A 336 35.61 15.38 12.60
C LEU A 336 36.50 16.34 13.38
N HIS A 337 37.40 17.04 12.67
CA HIS A 337 38.44 17.82 13.34
C HIS A 337 38.89 19.05 12.53
N LYS A 338 39.36 20.08 13.23
CA LYS A 338 39.86 21.33 12.62
C LYS A 338 41.12 21.14 11.78
N ARG A 339 41.28 21.96 10.75
CA ARG A 339 42.50 21.92 9.94
C ARG A 339 43.71 22.44 10.71
N GLU B 1 -16.10 31.61 31.70
CA GLU B 1 -14.91 30.79 31.52
C GLU B 1 -15.07 29.39 32.08
N THR B 2 -14.66 28.39 31.29
CA THR B 2 -14.66 26.99 31.71
C THR B 2 -13.29 26.35 31.46
N PRO B 3 -12.87 25.44 32.35
CA PRO B 3 -11.60 24.72 32.21
C PRO B 3 -11.65 23.75 31.05
N PRO B 4 -10.48 23.30 30.57
CA PRO B 4 -10.48 22.38 29.42
C PRO B 4 -11.04 21.02 29.81
N ARG B 5 -11.82 20.43 28.91
CA ARG B 5 -12.29 19.07 29.10
C ARG B 5 -12.17 18.29 27.78
N PHE B 6 -11.76 17.02 27.87
CA PHE B 6 -11.50 16.23 26.66
C PHE B 6 -12.78 15.88 25.93
N THR B 7 -12.78 16.04 24.62
CA THR B 7 -13.85 15.51 23.79
C THR B 7 -13.40 14.27 23.03
N ARG B 8 -12.08 14.10 22.90
CA ARG B 8 -11.48 12.93 22.28
C ARG B 8 -10.09 12.62 22.83
N THR B 9 -9.95 11.47 23.46
CA THR B 9 -8.66 11.04 24.02
C THR B 9 -7.93 10.06 23.12
N PRO B 10 -6.61 10.17 23.03
CA PRO B 10 -5.82 9.21 22.26
C PRO B 10 -5.91 7.80 22.82
N VAL B 11 -5.77 6.81 21.95
CA VAL B 11 -5.72 5.42 22.37
C VAL B 11 -4.38 4.79 22.02
N ASP B 12 -3.95 3.83 22.84
CA ASP B 12 -2.74 3.05 22.59
C ASP B 12 -2.68 2.54 21.16
N GLN B 13 -1.47 2.53 20.61
CA GLN B 13 -1.26 2.05 19.26
C GLN B 13 -0.12 1.06 19.19
N THR B 14 -0.26 0.11 18.27
CA THR B 14 0.83 -0.77 17.91
C THR B 14 1.04 -0.69 16.40
N GLY B 15 2.10 0.01 16.00
CA GLY B 15 2.39 0.22 14.59
C GLY B 15 3.54 -0.65 14.10
N VAL B 16 3.87 -0.51 12.82
CA VAL B 16 4.95 -1.30 12.25
C VAL B 16 6.08 -0.42 11.70
N SER B 17 7.33 -0.84 11.94
CA SER B 17 8.52 -0.03 11.64
C SER B 17 8.54 0.52 10.24
N GLY B 18 8.77 1.82 10.11
CA GLY B 18 8.80 2.47 8.82
C GLY B 18 7.44 3.03 8.44
N GLY B 19 6.41 2.61 9.18
CA GLY B 19 5.05 3.07 8.92
C GLY B 19 4.65 4.37 9.60
N VAL B 20 3.35 4.55 9.79
CA VAL B 20 2.85 5.74 10.42
C VAL B 20 2.12 5.38 11.72
N ALA B 21 2.13 6.31 12.67
CA ALA B 21 1.22 6.25 13.80
C ALA B 21 0.64 7.64 14.07
N SER B 22 -0.66 7.71 14.33
CA SER B 22 -1.33 8.97 14.64
C SER B 22 -2.02 8.90 16.00
N PHE B 23 -1.79 9.93 16.82
CA PHE B 23 -2.49 10.09 18.08
C PHE B 23 -3.40 11.30 18.00
N ILE B 24 -4.63 11.14 18.47
CA ILE B 24 -5.63 12.20 18.37
C ILE B 24 -6.01 12.72 19.74
N CYS B 25 -6.04 14.03 19.89
CA CYS B 25 -6.46 14.65 21.14
C CYS B 25 -7.27 15.91 20.91
N GLN B 26 -8.52 15.91 21.40
CA GLN B 26 -9.40 17.08 21.27
C GLN B 26 -10.03 17.50 22.60
N ALA B 27 -10.11 18.81 22.82
CA ALA B 27 -10.63 19.30 24.08
C ALA B 27 -11.46 20.53 23.81
N THR B 28 -12.27 20.89 24.79
CA THR B 28 -13.10 22.08 24.70
C THR B 28 -12.98 22.86 25.98
N GLY B 29 -13.23 24.17 25.89
CA GLY B 29 -13.16 25.03 27.06
C GLY B 29 -13.22 26.48 26.67
N ASP B 30 -13.31 27.35 27.67
CA ASP B 30 -13.33 28.78 27.46
C ASP B 30 -12.37 29.41 28.45
N PRO B 31 -11.27 30.01 27.95
CA PRO B 31 -10.88 30.19 26.56
C PRO B 31 -10.47 28.90 25.90
N ARG B 32 -10.24 28.93 24.58
CA ARG B 32 -9.83 27.74 23.85
C ARG B 32 -8.51 27.20 24.40
N PRO B 33 -8.51 25.91 24.76
CA PRO B 33 -7.32 25.28 25.32
C PRO B 33 -6.24 25.10 24.27
N LYS B 34 -4.98 25.19 24.68
CA LYS B 34 -3.89 24.75 23.84
C LYS B 34 -3.61 23.29 24.15
N ILE B 35 -3.11 22.57 23.15
CA ILE B 35 -2.72 21.19 23.35
C ILE B 35 -1.22 21.00 23.13
N VAL B 36 -0.58 20.27 24.03
CA VAL B 36 0.85 20.01 23.93
C VAL B 36 1.11 18.52 24.04
N TRP B 37 2.02 18.00 23.21
CA TRP B 37 2.38 16.60 23.32
C TRP B 37 3.69 16.43 24.07
N ASN B 38 3.66 15.61 25.11
CA ASN B 38 4.85 15.33 25.93
C ASN B 38 5.31 13.88 25.90
N LYS B 39 6.60 13.68 26.17
CA LYS B 39 7.13 12.38 26.51
C LYS B 39 7.93 12.54 27.81
N LYS B 40 7.54 11.80 28.84
CA LYS B 40 8.17 11.94 30.17
C LYS B 40 8.20 13.38 30.63
N GLY B 41 7.08 14.08 30.48
CA GLY B 41 6.97 15.45 30.93
C GLY B 41 7.53 16.49 29.97
N LYS B 42 8.31 16.04 28.98
CA LYS B 42 8.97 16.97 28.06
C LYS B 42 8.25 17.06 26.72
N LYS B 43 7.92 18.28 26.30
CA LYS B 43 7.28 18.53 25.01
C LYS B 43 8.08 17.85 23.89
N VAL B 44 7.40 17.07 23.05
CA VAL B 44 8.12 16.34 22.00
C VAL B 44 8.68 17.33 20.98
N SER B 45 9.83 16.95 20.44
CA SER B 45 10.53 17.75 19.46
C SER B 45 11.36 16.79 18.64
N ASN B 46 11.01 16.64 17.38
CA ASN B 46 11.55 15.57 16.57
C ASN B 46 11.12 15.74 15.13
N GLN B 47 12.03 15.53 14.19
CA GLN B 47 11.73 15.73 12.77
C GLN B 47 10.67 14.77 12.28
N ARG B 48 10.59 13.61 12.90
CA ARG B 48 9.64 12.58 12.51
C ARG B 48 8.32 12.68 13.27
N PHE B 49 8.26 13.60 14.22
CA PHE B 49 7.03 13.84 14.96
C PHE B 49 6.41 15.14 14.49
N GLU B 50 5.21 15.07 13.93
CA GLU B 50 4.53 16.27 13.49
C GLU B 50 3.20 16.45 14.20
N VAL B 51 2.95 17.67 14.65
CA VAL B 51 1.70 18.00 15.30
C VAL B 51 0.85 18.79 14.31
N ILE B 52 -0.29 18.21 13.94
CA ILE B 52 -1.18 18.83 12.96
C ILE B 52 -2.44 19.33 13.65
N GLU B 53 -2.75 20.59 13.46
CA GLU B 53 -3.88 21.19 14.16
C GLU B 53 -5.16 21.09 13.35
N PHE B 54 -6.27 20.82 14.03
CA PHE B 54 -7.58 20.89 13.40
C PHE B 54 -7.89 22.34 13.04
N ASP B 55 -8.70 22.52 11.99
CA ASP B 55 -9.12 23.86 11.62
C ASP B 55 -9.98 24.50 12.72
N ASP B 56 -10.73 23.67 13.43
CA ASP B 56 -11.57 24.11 14.55
C ASP B 56 -10.75 24.73 15.68
N GLY B 57 -9.55 24.19 15.88
CA GLY B 57 -8.76 24.55 17.04
C GLY B 57 -9.14 23.65 18.19
N SER B 58 -9.97 22.65 17.89
CA SER B 58 -10.47 21.72 18.89
C SER B 58 -9.39 20.78 19.41
N GLY B 59 -8.30 20.66 18.68
CA GLY B 59 -7.20 19.81 19.10
C GLY B 59 -6.11 19.64 18.06
N SER B 60 -5.33 18.59 18.23
CA SER B 60 -4.19 18.37 17.37
C SER B 60 -4.01 16.89 17.16
N VAL B 61 -3.29 16.53 16.11
CA VAL B 61 -2.87 15.16 15.90
C VAL B 61 -1.35 15.04 15.98
N LEU B 62 -0.86 14.06 16.73
CA LEU B 62 0.57 13.76 16.76
C LEU B 62 0.88 12.62 15.81
N ARG B 63 1.62 12.91 14.75
CA ARG B 63 1.92 11.90 13.74
C ARG B 63 3.39 11.53 13.72
N ILE B 64 3.68 10.24 13.81
CA ILE B 64 5.08 9.77 13.75
C ILE B 64 5.37 8.95 12.49
N GLN B 65 6.25 9.48 11.64
CA GLN B 65 6.54 8.83 10.36
C GLN B 65 7.90 9.27 9.82
N PRO B 66 8.76 8.31 9.47
CA PRO B 66 8.52 6.86 9.60
C PRO B 66 8.81 6.35 11.00
N LEU B 67 8.05 5.35 11.43
CA LEU B 67 8.23 4.78 12.76
C LEU B 67 9.58 4.08 12.92
N ARG B 68 10.22 4.30 14.07
CA ARG B 68 11.52 3.70 14.40
C ARG B 68 11.41 2.90 15.69
N THR B 69 11.94 1.69 15.71
CA THR B 69 11.93 0.88 16.92
C THR B 69 13.36 0.56 17.35
N PRO B 70 13.65 0.64 18.66
CA PRO B 70 12.73 0.92 19.77
C PRO B 70 12.64 2.39 20.23
N ARG B 71 13.23 3.33 19.49
CA ARG B 71 13.28 4.72 19.96
C ARG B 71 11.90 5.30 20.19
N ASP B 72 11.00 5.10 19.24
CA ASP B 72 9.69 5.74 19.29
C ASP B 72 8.78 5.07 20.33
N GLU B 73 9.10 3.81 20.65
CA GLU B 73 8.36 3.04 21.65
C GLU B 73 8.41 3.72 23.01
N ALA B 74 7.27 4.24 23.46
CA ALA B 74 7.21 5.04 24.69
C ALA B 74 5.80 5.45 25.11
N ILE B 75 5.71 6.03 26.31
CA ILE B 75 4.49 6.63 26.81
C ILE B 75 4.43 8.14 26.51
N TYR B 76 3.39 8.54 25.79
CA TYR B 76 3.26 9.94 25.46
C TYR B 76 2.06 10.49 26.19
N GLU B 77 1.94 11.81 26.26
CA GLU B 77 0.76 12.39 26.88
C GLU B 77 0.29 13.63 26.14
N CYS B 78 -1.04 13.79 26.15
CA CYS B 78 -1.69 14.98 25.64
C CYS B 78 -2.06 15.87 26.80
N VAL B 79 -1.64 17.12 26.76
CA VAL B 79 -1.99 18.05 27.83
C VAL B 79 -2.74 19.27 27.29
N ALA B 80 -3.96 19.48 27.78
CA ALA B 80 -4.78 20.60 27.37
C ALA B 80 -4.90 21.62 28.49
N SER B 81 -4.67 22.90 28.18
CA SER B 81 -4.64 23.91 29.24
C SER B 81 -5.09 25.30 28.81
N ASN B 82 -5.73 26.00 29.74
CA ASN B 82 -5.98 27.43 29.61
C ASN B 82 -5.79 28.06 30.99
N ASN B 83 -6.11 29.34 31.16
CA ASN B 83 -5.85 29.96 32.47
C ASN B 83 -6.82 29.50 33.56
N VAL B 84 -7.86 28.78 33.16
CA VAL B 84 -8.85 28.27 34.11
C VAL B 84 -8.50 26.88 34.63
N GLY B 85 -7.82 26.08 33.82
CA GLY B 85 -7.47 24.73 34.26
C GLY B 85 -6.62 23.92 33.30
N GLU B 86 -6.35 22.67 33.69
CA GLU B 86 -5.48 21.80 32.92
C GLU B 86 -5.88 20.32 33.06
N ILE B 87 -5.83 19.59 31.95
CA ILE B 87 -6.06 18.14 31.97
C ILE B 87 -5.06 17.42 31.06
N SER B 88 -4.71 16.20 31.46
CA SER B 88 -3.82 15.38 30.65
C SER B 88 -4.26 13.92 30.53
N VAL B 89 -3.82 13.27 29.46
CA VAL B 89 -4.13 11.86 29.24
C VAL B 89 -2.90 11.16 28.64
N SER B 90 -2.59 9.97 29.15
CA SER B 90 -1.44 9.23 28.65
C SER B 90 -1.84 8.26 27.56
N THR B 91 -0.84 7.78 26.84
CA THR B 91 -1.06 6.83 25.76
C THR B 91 0.25 6.11 25.41
N ARG B 92 0.14 4.88 24.94
CA ARG B 92 1.33 4.09 24.63
C ARG B 92 1.51 3.84 23.14
N LEU B 93 2.76 3.90 22.69
CA LEU B 93 3.10 3.55 21.33
C LEU B 93 3.96 2.32 21.34
N THR B 94 3.60 1.36 20.51
CA THR B 94 4.42 0.17 20.33
C THR B 94 4.76 0.04 18.87
N VAL B 95 6.00 -0.28 18.56
CA VAL B 95 6.39 -0.47 17.16
C VAL B 95 7.03 -1.83 16.94
N LEU B 96 6.48 -2.60 16.01
CA LEU B 96 7.01 -3.93 15.72
C LEU B 96 7.85 -3.89 14.44
N ARG B 97 8.81 -4.81 14.36
CA ARG B 97 9.56 -5.03 13.13
C ARG B 97 8.78 -5.94 12.18
N GLU B 98 8.93 -5.76 10.87
CA GLU B 98 8.18 -6.58 9.90
C GLU B 98 8.49 -8.07 10.07
N ASP B 99 9.74 -8.41 10.37
CA ASP B 99 10.09 -9.78 10.72
C ASP B 99 9.35 -10.24 11.98
N GLN B 100 9.10 -9.30 12.90
CA GLN B 100 8.40 -9.59 14.15
C GLN B 100 6.87 -9.61 14.01
N ILE B 101 6.36 -9.22 12.84
CA ILE B 101 4.92 -9.08 12.66
C ILE B 101 4.17 -10.41 12.79
N PRO B 102 3.17 -10.46 13.69
CA PRO B 102 2.43 -11.70 13.93
C PRO B 102 1.50 -12.07 12.80
N ARG B 103 1.17 -13.35 12.73
CA ARG B 103 0.09 -13.82 11.89
C ARG B 103 -1.18 -13.18 12.42
N GLY B 104 -1.85 -12.41 11.59
CA GLY B 104 -3.10 -11.79 11.99
C GLY B 104 -2.97 -10.30 12.18
N PHE B 105 -2.00 -9.73 11.49
CA PHE B 105 -1.76 -8.29 11.56
C PHE B 105 -2.38 -7.72 10.31
N PRO B 106 -3.00 -6.53 10.43
CA PRO B 106 -3.69 -5.98 9.26
C PRO B 106 -2.72 -5.76 8.10
N THR B 107 -3.18 -6.11 6.91
CA THR B 107 -2.45 -5.83 5.67
C THR B 107 -3.34 -5.06 4.71
N ILE B 108 -2.75 -4.16 3.95
CA ILE B 108 -3.52 -3.44 2.95
C ILE B 108 -3.42 -4.19 1.62
N ASP B 109 -4.50 -4.87 1.27
CA ASP B 109 -4.60 -5.62 0.00
C ASP B 109 -4.72 -4.67 -1.18
N MET B 110 -5.45 -3.57 -1.00
CA MET B 110 -5.48 -2.53 -1.99
C MET B 110 -5.84 -1.22 -1.29
N GLY B 111 -5.18 -0.15 -1.69
CA GLY B 111 -5.38 1.13 -1.04
C GLY B 111 -5.95 2.11 -2.02
N PRO B 112 -6.37 3.28 -1.52
CA PRO B 112 -6.99 4.30 -2.38
C PRO B 112 -6.09 4.71 -3.53
N GLN B 113 -6.70 5.18 -4.61
CA GLN B 113 -5.97 5.59 -5.80
C GLN B 113 -6.38 6.99 -6.22
N LEU B 114 -5.52 7.61 -7.01
CA LEU B 114 -5.76 8.94 -7.54
C LEU B 114 -7.15 9.02 -8.15
N LYS B 115 -7.92 10.03 -7.75
CA LYS B 115 -9.28 10.20 -8.25
C LYS B 115 -9.59 11.65 -8.53
N VAL B 116 -10.25 11.90 -9.65
CA VAL B 116 -10.63 13.25 -10.04
C VAL B 116 -12.12 13.35 -10.22
N VAL B 117 -12.77 14.09 -9.32
CA VAL B 117 -14.21 14.31 -9.39
C VAL B 117 -14.52 15.77 -9.65
N GLU B 118 -15.58 16.05 -10.38
CA GLU B 118 -15.98 17.44 -10.58
C GLU B 118 -16.82 17.88 -9.39
N ARG B 119 -16.90 19.19 -9.17
CA ARG B 119 -17.53 19.74 -7.98
C ARG B 119 -19.00 19.35 -7.88
N THR B 120 -19.45 19.07 -6.66
CA THR B 120 -20.85 18.71 -6.30
C THR B 120 -21.27 17.30 -6.68
N ARG B 121 -20.41 16.55 -7.35
CA ARG B 121 -20.68 15.14 -7.62
C ARG B 121 -20.01 14.26 -6.56
N THR B 122 -20.40 12.99 -6.47
CA THR B 122 -19.89 12.11 -5.43
C THR B 122 -18.56 11.49 -5.80
N ALA B 123 -17.61 11.55 -4.88
CA ALA B 123 -16.32 10.91 -5.06
C ALA B 123 -16.17 9.82 -4.00
N THR B 124 -15.62 8.66 -4.41
CA THR B 124 -15.46 7.52 -3.53
C THR B 124 -14.02 7.04 -3.48
N MET B 125 -13.46 6.96 -2.27
CA MET B 125 -12.15 6.36 -2.08
C MET B 125 -12.33 4.94 -1.54
N LEU B 126 -11.67 3.98 -2.16
CA LEU B 126 -11.90 2.59 -1.79
C LEU B 126 -10.68 2.03 -1.07
N CYS B 127 -10.92 1.13 -0.12
CA CYS B 127 -9.83 0.47 0.58
C CYS B 127 -10.17 -0.99 0.85
N ALA B 128 -9.25 -1.88 0.50
CA ALA B 128 -9.39 -3.31 0.79
C ALA B 128 -8.30 -3.76 1.75
N ALA B 129 -8.70 -4.33 2.88
CA ALA B 129 -7.74 -4.75 3.90
C ALA B 129 -8.18 -6.06 4.50
N SER B 130 -7.21 -6.85 4.98
CA SER B 130 -7.55 -8.08 5.67
C SER B 130 -6.66 -8.28 6.88
N GLY B 131 -7.04 -9.22 7.73
CA GLY B 131 -6.34 -9.46 8.97
C GLY B 131 -7.12 -10.42 9.86
N ASN B 132 -6.49 -10.88 10.92
CA ASN B 132 -7.13 -11.74 11.89
C ASN B 132 -6.85 -11.27 13.31
N PRO B 133 -7.86 -10.74 14.00
CA PRO B 133 -9.25 -10.56 13.59
C PRO B 133 -9.42 -9.54 12.46
N ASP B 134 -10.61 -9.55 11.86
CA ASP B 134 -10.93 -8.69 10.74
C ASP B 134 -10.69 -7.22 11.11
N PRO B 135 -9.98 -6.49 10.23
CA PRO B 135 -9.60 -5.12 10.61
C PRO B 135 -10.70 -4.10 10.43
N GLU B 136 -10.74 -3.10 11.30
CA GLU B 136 -11.58 -1.94 11.10
C GLU B 136 -10.85 -0.99 10.17
N ILE B 137 -11.57 -0.40 9.22
CA ILE B 137 -10.97 0.57 8.32
C ILE B 137 -11.37 2.00 8.65
N THR B 138 -10.40 2.88 8.79
CA THR B 138 -10.65 4.28 9.07
C THR B 138 -9.91 5.13 8.05
N TRP B 139 -10.19 6.42 8.04
CA TRP B 139 -9.61 7.28 7.02
C TRP B 139 -8.96 8.53 7.59
N PHE B 140 -7.86 8.96 6.96
CA PHE B 140 -7.19 10.20 7.30
C PHE B 140 -7.05 11.07 6.06
N LYS B 141 -7.38 12.35 6.19
CA LYS B 141 -7.20 13.30 5.10
C LYS B 141 -6.28 14.40 5.60
N ASP B 142 -5.22 14.65 4.83
CA ASP B 142 -4.17 15.61 5.19
C ASP B 142 -3.73 15.48 6.65
N PHE B 143 -3.56 14.22 7.07
CA PHE B 143 -3.04 13.85 8.39
C PHE B 143 -4.04 13.98 9.53
N LEU B 144 -5.22 14.52 9.24
CA LEU B 144 -6.28 14.56 10.25
C LEU B 144 -7.30 13.46 9.95
N PRO B 145 -7.91 12.90 11.00
CA PRO B 145 -8.89 11.83 10.82
C PRO B 145 -10.19 12.34 10.20
N VAL B 146 -10.67 11.64 9.20
CA VAL B 146 -11.94 11.96 8.59
C VAL B 146 -13.06 11.61 9.56
N ASP B 147 -13.92 12.57 9.85
CA ASP B 147 -15.03 12.34 10.75
C ASP B 147 -16.28 11.95 9.99
N THR B 148 -16.70 10.70 10.16
CA THR B 148 -17.93 10.18 9.56
C THR B 148 -18.95 9.87 10.64
N SER B 149 -18.73 10.45 11.82
CA SER B 149 -19.53 10.14 13.01
C SER B 149 -21.02 10.33 12.77
N ASN B 150 -21.40 11.53 12.31
CA ASN B 150 -22.80 11.84 12.09
C ASN B 150 -23.36 11.11 10.87
N ASN B 151 -24.45 10.38 11.07
CA ASN B 151 -25.20 9.81 9.97
C ASN B 151 -25.88 10.94 9.22
N ASN B 152 -26.38 10.66 8.02
CA ASN B 152 -26.98 11.67 7.14
C ASN B 152 -25.99 12.78 6.82
N GLY B 153 -24.71 12.47 6.88
CA GLY B 153 -23.68 13.44 6.60
C GLY B 153 -23.28 13.42 5.15
N ARG B 154 -22.54 14.44 4.75
CA ARG B 154 -21.99 14.53 3.41
C ARG B 154 -20.97 13.39 3.18
N ILE B 155 -20.27 13.02 4.25
CA ILE B 155 -19.22 12.00 4.18
C ILE B 155 -19.60 10.76 4.97
N LYS B 156 -19.67 9.61 4.30
CA LYS B 156 -20.10 8.38 4.95
C LYS B 156 -19.11 7.22 4.73
N GLN B 157 -19.17 6.24 5.63
CA GLN B 157 -18.26 5.09 5.61
C GLN B 157 -19.03 3.80 5.28
N LEU B 158 -18.58 3.09 4.25
CA LEU B 158 -19.19 1.82 3.85
C LEU B 158 -18.32 0.66 4.30
N ARG B 159 -18.95 -0.44 4.69
CA ARG B 159 -18.23 -1.63 5.16
C ARG B 159 -18.78 -2.92 4.53
N SER B 160 -17.87 -3.75 4.01
CA SER B 160 -18.23 -5.03 3.44
C SER B 160 -19.01 -5.90 4.43
N GLU B 161 -20.03 -6.61 3.95
CA GLU B 161 -20.89 -7.40 4.82
C GLU B 161 -20.15 -8.67 5.25
N SER B 162 -19.15 -9.01 4.46
CA SER B 162 -18.11 -9.97 4.86
C SER B 162 -18.52 -11.44 4.85
N ILE B 163 -18.28 -12.11 3.74
CA ILE B 163 -18.07 -13.55 3.77
C ILE B 163 -16.69 -13.74 4.38
N GLY B 164 -16.35 -14.96 4.76
CA GLY B 164 -15.09 -15.18 5.47
C GLY B 164 -13.81 -15.00 4.67
N GLY B 165 -13.82 -15.46 3.42
CA GLY B 165 -12.59 -15.68 2.68
C GLY B 165 -11.82 -14.51 2.09
N THR B 166 -12.53 -13.46 1.68
CA THR B 166 -11.91 -12.36 0.95
C THR B 166 -11.49 -11.20 1.85
N PRO B 167 -10.67 -10.27 1.32
CA PRO B 167 -10.38 -9.06 2.09
C PRO B 167 -11.63 -8.28 2.41
N ILE B 168 -11.56 -7.46 3.45
CA ILE B 168 -12.65 -6.57 3.79
C ILE B 168 -12.65 -5.31 2.95
N ARG B 169 -13.81 -4.96 2.43
CA ARG B 169 -13.95 -3.78 1.61
C ARG B 169 -14.42 -2.63 2.47
N GLY B 170 -13.78 -1.48 2.31
CA GLY B 170 -14.16 -0.28 3.01
C GLY B 170 -14.10 0.89 2.05
N ALA B 171 -14.97 1.86 2.26
CA ALA B 171 -14.99 3.00 1.36
C ALA B 171 -15.32 4.28 2.10
N LEU B 172 -14.87 5.39 1.54
CA LEU B 172 -15.20 6.71 2.06
C LEU B 172 -15.95 7.43 0.96
N GLN B 173 -17.21 7.74 1.22
CA GLN B 173 -18.08 8.29 0.19
C GLN B 173 -18.35 9.77 0.45
N ILE B 174 -17.90 10.62 -0.47
CA ILE B 174 -18.03 12.06 -0.31
C ILE B 174 -19.07 12.66 -1.24
N GLU B 175 -20.28 12.90 -0.74
CA GLU B 175 -21.33 13.50 -1.57
C GLU B 175 -21.14 15.00 -1.71
N GLN B 176 -21.65 15.57 -2.80
CA GLN B 176 -21.61 17.01 -3.01
C GLN B 176 -20.20 17.57 -2.83
N SER B 177 -19.25 17.02 -3.58
CA SER B 177 -17.84 17.37 -3.44
C SER B 177 -17.59 18.86 -3.54
N GLU B 178 -16.71 19.36 -2.69
CA GLU B 178 -16.31 20.76 -2.75
C GLU B 178 -14.81 20.89 -2.74
N GLU B 179 -14.33 22.08 -3.08
CA GLU B 179 -12.90 22.37 -3.15
C GLU B 179 -12.12 22.00 -1.88
N SER B 180 -12.75 22.19 -0.71
CA SER B 180 -12.11 21.83 0.55
C SER B 180 -11.91 20.32 0.71
N ASP B 181 -12.62 19.52 -0.07
CA ASP B 181 -12.49 18.06 0.01
C ASP B 181 -11.22 17.57 -0.67
N GLN B 182 -10.71 18.37 -1.59
CA GLN B 182 -9.42 18.12 -2.23
C GLN B 182 -8.34 17.90 -1.16
N GLY B 183 -7.42 16.99 -1.42
CA GLY B 183 -6.40 16.66 -0.44
C GLY B 183 -5.86 15.25 -0.52
N LYS B 184 -5.03 14.90 0.45
CA LYS B 184 -4.32 13.64 0.43
C LYS B 184 -4.94 12.65 1.42
N TYR B 185 -5.61 11.64 0.86
CA TYR B 185 -6.32 10.65 1.67
C TYR B 185 -5.51 9.39 1.87
N GLU B 186 -5.54 8.84 3.08
CA GLU B 186 -4.92 7.55 3.34
C GLU B 186 -5.84 6.68 4.20
N CYS B 187 -5.83 5.39 3.90
CA CYS B 187 -6.71 4.45 4.59
C CYS B 187 -5.91 3.77 5.70
N VAL B 188 -6.60 3.38 6.76
CA VAL B 188 -5.95 2.83 7.95
C VAL B 188 -6.67 1.58 8.41
N ALA B 189 -5.93 0.47 8.53
CA ALA B 189 -6.52 -0.80 8.95
C ALA B 189 -6.05 -1.20 10.35
N THR B 190 -7.00 -1.48 11.25
CA THR B 190 -6.69 -1.71 12.66
C THR B 190 -7.34 -2.97 13.21
N ASN B 191 -6.61 -3.71 14.03
CA ASN B 191 -7.22 -4.75 14.83
C ASN B 191 -6.46 -4.87 16.12
N SER B 192 -6.76 -5.90 16.90
CA SER B 192 -6.16 -6.04 18.21
C SER B 192 -4.66 -6.29 18.14
N ALA B 193 -4.17 -6.66 16.97
CA ALA B 193 -2.76 -6.89 16.77
C ALA B 193 -2.04 -5.60 16.42
N GLY B 194 -2.75 -4.65 15.81
CA GLY B 194 -2.12 -3.38 15.47
C GLY B 194 -2.77 -2.57 14.36
N THR B 195 -1.97 -1.64 13.82
CA THR B 195 -2.46 -0.63 12.91
C THR B 195 -1.57 -0.58 11.67
N ARG B 196 -2.17 -0.47 10.50
CA ARG B 196 -1.40 -0.33 9.27
C ARG B 196 -1.97 0.74 8.33
N TYR B 197 -1.08 1.52 7.72
CA TYR B 197 -1.49 2.56 6.78
C TYR B 197 -1.31 2.15 5.32
N SER B 198 -2.26 2.58 4.49
CA SER B 198 -2.12 2.47 3.06
C SER B 198 -1.20 3.58 2.61
N ALA B 199 -0.84 3.59 1.33
CA ALA B 199 -0.10 4.69 0.78
C ALA B 199 -1.06 5.84 0.57
N PRO B 200 -0.55 7.07 0.51
CA PRO B 200 -1.45 8.18 0.30
C PRO B 200 -2.05 8.20 -1.11
N ALA B 201 -3.27 8.70 -1.22
CA ALA B 201 -3.88 8.95 -2.52
C ALA B 201 -4.50 10.35 -2.53
N ASN B 202 -4.21 11.11 -3.57
CA ASN B 202 -4.79 12.44 -3.68
C ASN B 202 -6.16 12.39 -4.33
N LEU B 203 -7.07 13.23 -3.85
CA LEU B 203 -8.35 13.48 -4.51
C LEU B 203 -8.32 14.87 -5.09
N TYR B 204 -8.63 15.01 -6.37
CA TYR B 204 -8.68 16.32 -7.00
C TYR B 204 -10.12 16.68 -7.31
N VAL B 205 -10.41 17.98 -7.28
CA VAL B 205 -11.75 18.47 -7.59
C VAL B 205 -11.68 19.48 -8.72
N ARG B 206 -12.11 19.08 -9.91
CA ARG B 206 -12.09 19.99 -11.04
C ARG B 206 -13.45 20.66 -11.20
N GLU B 207 -13.49 21.76 -11.93
CA GLU B 207 -14.68 22.60 -11.99
C GLU B 207 -15.81 21.92 -12.74
N LEU B 208 -17.03 22.04 -12.21
CA LEU B 208 -18.23 21.45 -12.82
C LEU B 208 -18.58 22.04 -14.19
N ARG B 209 -18.79 21.17 -15.18
CA ARG B 209 -19.13 21.62 -16.52
C ARG B 209 -20.63 21.90 -16.65
#